data_4E6D
#
_entry.id   4E6D
#
_cell.length_a   111.035
_cell.length_b   111.035
_cell.length_c   70.575
_cell.angle_alpha   90.000
_cell.angle_beta   90.000
_cell.angle_gamma   90.000
#
_symmetry.space_group_name_H-M   'P 41'
#
loop_
_entity.id
_entity.type
_entity.pdbx_description
1 polymer 'Tyrosine-protein kinase JAK2'
2 non-polymer 3-[(3R)-3-(imidazo[4,5-d]pyrrolo[2,3-b]pyridin-1(6H)-yl)piperidin-1-yl]-3-oxopropanenitrile
3 non-polymer GLYCEROL
4 water water
#
_entity_poly.entity_id   1
_entity_poly.type   'polypeptide(L)'
_entity_poly.pdbx_seq_one_letter_code
;AFEDRDPTQFEERHLKFLRQLGKGNFGSVEMCRYDPLQDNTGEVVAVKKLQHSTEEHLRDFEREIEILKSLQHDNIVKYK
GVCYSAGRRNLKLIMEFLPYGSLREYLQKHKERIDHIKLLQYTSQICKGMEYLGTKRYIHRDLATRNILVENENRVKIGD
FGLTKVLPQDKE(PTR)(PTR)KVKEPGESPIFWYAPESLTESKFSVASDVWSFGVVLYELFTYIEKSKSPPAEFMRMIG
NDKQGQMIVFHLIELLKNNGRLPRPDGCPDEIYMIMTECWNNNVNQRPSFRDLALRVDQIRDNMAG
;
_entity_poly.pdbx_strand_id   A,B
#
loop_
_chem_comp.id
_chem_comp.type
_chem_comp.name
_chem_comp.formula
0NU non-polymer 3-[(3R)-3-(imidazo[4,5-d]pyrrolo[2,3-b]pyridin-1(6H)-yl)piperidin-1-yl]-3-oxopropanenitrile 'C16 H16 N6 O'
GOL non-polymer GLYCEROL 'C3 H8 O3'
#
# COMPACT_ATOMS: atom_id res chain seq x y z
N ASP A 6 -14.12 27.56 -1.61
CA ASP A 6 -13.56 28.40 -0.55
C ASP A 6 -12.12 28.78 -0.87
N PRO A 7 -11.38 27.86 -1.49
CA PRO A 7 -9.99 28.11 -1.85
C PRO A 7 -9.78 29.54 -2.36
N THR A 8 -9.39 30.44 -1.47
CA THR A 8 -9.16 31.83 -1.83
C THR A 8 -9.34 32.04 -3.32
N GLN A 9 -10.41 31.49 -3.88
CA GLN A 9 -10.70 31.62 -5.30
C GLN A 9 -9.97 32.81 -5.91
N PHE A 10 -9.21 32.57 -6.96
CA PHE A 10 -8.46 33.61 -7.63
C PHE A 10 -9.36 34.21 -8.72
N GLU A 11 -9.47 35.54 -8.76
CA GLU A 11 -10.22 36.19 -9.84
C GLU A 11 -9.34 36.24 -11.08
N GLU A 12 -9.92 35.88 -12.23
CA GLU A 12 -9.18 35.86 -13.49
C GLU A 12 -8.56 37.23 -13.88
N ARG A 13 -9.33 38.30 -13.69
CA ARG A 13 -8.86 39.64 -14.05
C ARG A 13 -7.58 40.06 -13.30
N HIS A 14 -7.23 39.35 -12.22
CA HIS A 14 -6.06 39.76 -11.44
C HIS A 14 -4.85 38.90 -11.79
N LEU A 15 -5.05 37.95 -12.70
CA LEU A 15 -3.93 37.08 -13.12
C LEU A 15 -3.22 37.71 -14.34
N LYS A 16 -1.95 38.03 -14.19
CA LYS A 16 -1.21 38.63 -15.31
C LYS A 16 -0.24 37.60 -15.92
N PHE A 17 -0.41 37.34 -17.22
CA PHE A 17 0.41 36.37 -17.94
C PHE A 17 1.89 36.78 -18.02
N LEU A 18 2.79 35.88 -17.66
CA LEU A 18 4.21 36.20 -17.79
C LEU A 18 4.83 35.39 -18.91
N ARG A 19 4.64 34.07 -18.86
CA ARG A 19 4.98 33.25 -20.01
C ARG A 19 4.49 31.84 -19.79
N GLN A 20 4.54 31.06 -20.87
CA GLN A 20 4.23 29.66 -20.78
C GLN A 20 5.34 28.88 -20.10
N LEU A 21 4.98 27.93 -19.25
CA LEU A 21 5.95 27.05 -18.60
C LEU A 21 6.05 25.67 -19.27
N GLY A 22 4.92 25.14 -19.71
CA GLY A 22 4.78 23.82 -20.32
C GLY A 22 3.46 23.49 -21.03
N LYS A 23 3.46 22.36 -21.72
CA LYS A 23 2.29 21.84 -22.36
C LYS A 23 2.16 20.34 -22.20
N GLY A 24 0.92 19.86 -22.30
CA GLY A 24 0.57 18.45 -22.42
C GLY A 24 0.03 18.20 -23.83
N ASN A 25 -0.97 17.33 -24.00
CA ASN A 25 -1.56 16.51 -22.97
C ASN A 25 -2.93 17.09 -22.68
N PHE A 26 -3.36 18.07 -23.48
CA PHE A 26 -4.68 18.68 -23.32
C PHE A 26 -4.64 19.73 -22.23
N GLY A 27 -3.43 19.96 -21.72
CA GLY A 27 -3.12 20.96 -20.70
C GLY A 27 -1.99 21.91 -21.05
N SER A 28 -1.95 23.07 -20.40
CA SER A 28 -0.76 23.90 -20.45
C SER A 28 -0.61 24.62 -19.10
N VAL A 29 0.62 24.91 -18.73
CA VAL A 29 0.92 25.61 -17.47
C VAL A 29 1.58 26.93 -17.83
N GLU A 30 1.10 28.03 -17.25
CA GLU A 30 1.67 29.37 -17.46
C GLU A 30 2.21 29.93 -16.14
N MET A 31 3.24 30.76 -16.26
CA MET A 31 3.71 31.57 -15.15
C MET A 31 2.87 32.85 -15.15
N CYS A 32 2.27 33.18 -14.02
CA CYS A 32 1.48 34.41 -13.99
C CYS A 32 1.77 35.15 -12.70
N ARG A 33 1.52 36.46 -12.68
CA ARG A 33 1.59 37.16 -11.40
C ARG A 33 0.17 37.44 -10.91
N TYR A 34 -0.16 36.95 -9.71
CA TYR A 34 -1.50 37.17 -9.16
C TYR A 34 -1.47 38.53 -8.43
N ASP A 35 -2.07 39.56 -9.02
CA ASP A 35 -1.84 40.94 -8.53
C ASP A 35 -3.11 41.73 -8.19
N PRO A 36 -3.94 41.21 -7.25
CA PRO A 36 -5.26 41.72 -6.87
C PRO A 36 -5.30 43.20 -6.50
N LEU A 37 -4.19 43.75 -6.00
CA LEU A 37 -4.11 45.18 -5.68
C LEU A 37 -3.62 45.99 -6.87
N GLN A 38 -3.24 45.29 -7.94
CA GLN A 38 -2.89 45.96 -9.18
C GLN A 38 -1.79 46.98 -8.95
N ASP A 39 -0.85 46.68 -8.04
CA ASP A 39 0.24 47.60 -7.76
C ASP A 39 1.56 46.89 -7.99
N ASN A 40 1.47 45.72 -8.60
CA ASN A 40 2.64 44.93 -8.91
C ASN A 40 3.33 44.42 -7.62
N THR A 41 2.55 43.98 -6.64
CA THR A 41 3.11 43.37 -5.43
C THR A 41 2.65 41.92 -5.20
N GLY A 42 1.90 41.37 -6.14
CA GLY A 42 1.33 40.05 -5.91
C GLY A 42 2.38 38.98 -6.17
N GLU A 43 2.12 37.77 -5.70
CA GLU A 43 3.08 36.70 -5.91
C GLU A 43 2.91 36.12 -7.31
N VAL A 44 4.00 35.54 -7.81
CA VAL A 44 3.99 34.79 -9.05
C VAL A 44 3.52 33.37 -8.79
N VAL A 45 2.60 32.88 -9.60
CA VAL A 45 2.05 31.54 -9.36
C VAL A 45 2.09 30.77 -10.68
N ALA A 46 1.86 29.46 -10.62
CA ALA A 46 1.77 28.67 -11.85
C ALA A 46 0.29 28.34 -12.08
N VAL A 47 -0.16 28.49 -13.32
CA VAL A 47 -1.57 28.31 -13.63
C VAL A 47 -1.72 27.25 -14.69
N LYS A 48 -2.46 26.18 -14.40
CA LYS A 48 -2.70 25.14 -15.38
C LYS A 48 -4.09 25.26 -15.97
N LYS A 49 -4.20 25.10 -17.27
CA LYS A 49 -5.52 25.19 -17.85
C LYS A 49 -5.67 24.19 -18.99
N LEU A 50 -6.90 23.91 -19.43
CA LEU A 50 -7.08 23.09 -20.61
C LEU A 50 -6.80 23.91 -21.86
N GLN A 51 -6.00 23.33 -22.76
CA GLN A 51 -5.57 24.00 -23.98
C GLN A 51 -6.65 23.92 -25.04
N HIS A 52 -7.62 23.04 -24.81
CA HIS A 52 -8.86 22.94 -25.57
C HIS A 52 -9.87 22.26 -24.64
N SER A 53 -10.87 23.03 -24.21
CA SER A 53 -11.74 22.62 -23.11
C SER A 53 -12.94 21.72 -23.49
N THR A 54 -12.66 20.45 -23.76
CA THR A 54 -13.69 19.45 -23.97
C THR A 54 -14.42 19.28 -22.66
N GLU A 55 -15.65 18.80 -22.71
CA GLU A 55 -16.39 18.56 -21.47
C GLU A 55 -15.90 17.26 -20.81
N GLU A 56 -15.42 16.32 -21.62
CA GLU A 56 -14.73 15.15 -21.08
C GLU A 56 -13.40 15.48 -20.42
N HIS A 57 -12.63 16.34 -21.07
CA HIS A 57 -11.39 16.85 -20.50
C HIS A 57 -11.63 17.70 -19.24
N LEU A 58 -12.78 18.35 -19.20
CA LEU A 58 -13.18 19.10 -18.02
C LEU A 58 -13.35 18.18 -16.83
N ARG A 59 -13.99 17.06 -17.05
CA ARG A 59 -14.22 16.13 -16.00
C ARG A 59 -12.92 15.57 -15.45
N ASP A 60 -12.00 15.23 -16.34
CA ASP A 60 -10.70 14.73 -15.96
C ASP A 60 -9.94 15.79 -15.19
N PHE A 61 -10.03 17.02 -15.66
CA PHE A 61 -9.36 18.16 -15.00
C PHE A 61 -9.95 18.36 -13.61
N GLU A 62 -11.29 18.37 -13.48
CA GLU A 62 -11.85 18.51 -12.14
C GLU A 62 -11.26 17.42 -11.21
N ARG A 63 -11.17 16.20 -11.69
CA ARG A 63 -10.58 15.12 -10.94
C ARG A 63 -9.10 15.30 -10.64
N GLU A 64 -8.35 15.78 -11.62
CA GLU A 64 -6.95 16.12 -11.35
C GLU A 64 -6.84 17.12 -10.20
N ILE A 65 -7.72 18.12 -10.20
CA ILE A 65 -7.62 19.20 -9.21
C ILE A 65 -7.89 18.64 -7.81
N GLU A 66 -8.91 17.80 -7.72
CA GLU A 66 -9.28 17.17 -6.45
C GLU A 66 -8.15 16.28 -5.94
N ILE A 67 -7.50 15.56 -6.85
CA ILE A 67 -6.29 14.81 -6.49
C ILE A 67 -5.18 15.69 -5.89
N LEU A 68 -4.82 16.76 -6.57
CA LEU A 68 -3.67 17.55 -6.09
C LEU A 68 -4.03 18.19 -4.76
N LYS A 69 -5.27 18.67 -4.70
CA LYS A 69 -5.80 19.27 -3.50
C LYS A 69 -5.70 18.30 -2.30
N SER A 70 -5.90 16.99 -2.54
CA SER A 70 -5.87 16.05 -1.41
C SER A 70 -4.41 15.72 -0.99
N LEU A 71 -3.44 16.23 -1.76
CA LEU A 71 -2.04 15.87 -1.50
C LEU A 71 -1.30 17.01 -0.75
N GLN A 72 -0.68 16.67 0.39
CA GLN A 72 0.15 17.62 1.14
C GLN A 72 1.45 16.95 1.61
N HIS A 73 2.55 17.32 1.00
CA HIS A 73 3.80 16.62 1.21
C HIS A 73 4.94 17.52 0.71
N ASP A 74 6.12 17.40 1.32
CA ASP A 74 7.26 18.29 0.97
C ASP A 74 7.68 18.04 -0.47
N ASN A 75 7.40 16.85 -1.00
CA ASN A 75 7.85 16.55 -2.35
C ASN A 75 6.72 16.46 -3.35
N ILE A 76 5.62 17.18 -3.07
CA ILE A 76 4.50 17.25 -4.02
C ILE A 76 4.23 18.74 -4.21
N VAL A 77 4.14 19.20 -5.47
CA VAL A 77 3.92 20.63 -5.71
C VAL A 77 2.65 21.12 -4.98
N LYS A 78 2.71 22.31 -4.35
CA LYS A 78 1.54 22.81 -3.61
C LYS A 78 0.37 23.33 -4.46
N TYR A 79 -0.82 22.84 -4.13
CA TYR A 79 -2.07 23.38 -4.62
C TYR A 79 -2.33 24.72 -3.96
N LYS A 80 -2.74 25.74 -4.74
CA LYS A 80 -3.07 27.00 -4.09
C LYS A 80 -4.57 27.30 -4.15
N GLY A 81 -5.21 26.99 -5.28
CA GLY A 81 -6.64 27.18 -5.44
C GLY A 81 -7.08 26.98 -6.88
N VAL A 82 -8.25 27.53 -7.22
CA VAL A 82 -8.79 27.45 -8.58
C VAL A 82 -9.28 28.84 -9.05
N CYS A 83 -9.36 29.03 -10.36
CA CYS A 83 -9.96 30.26 -10.91
C CYS A 83 -10.95 29.82 -11.99
N TYR A 84 -12.20 30.28 -11.89
CA TYR A 84 -13.24 29.93 -12.86
C TYR A 84 -14.01 31.17 -13.27
N ASN A 90 -13.98 27.93 -18.13
CA ASN A 90 -12.65 28.46 -17.93
C ASN A 90 -12.07 28.06 -16.57
N LEU A 91 -12.05 26.76 -16.28
CA LEU A 91 -11.47 26.26 -15.03
C LEU A 91 -9.95 26.29 -15.08
N LYS A 92 -9.34 26.96 -14.11
CA LYS A 92 -7.88 27.01 -13.99
C LYS A 92 -7.45 26.50 -12.61
N LEU A 93 -6.33 25.77 -12.59
CA LEU A 93 -5.73 25.28 -11.36
C LEU A 93 -4.54 26.16 -11.01
N ILE A 94 -4.55 26.72 -9.79
CA ILE A 94 -3.44 27.55 -9.35
C ILE A 94 -2.51 26.78 -8.43
N MET A 95 -1.22 26.80 -8.75
CA MET A 95 -0.23 26.10 -7.95
C MET A 95 0.92 27.02 -7.60
N GLU A 96 1.73 26.61 -6.63
CA GLU A 96 2.95 27.37 -6.38
C GLU A 96 3.84 27.27 -7.64
N PHE A 97 4.58 28.35 -7.89
CA PHE A 97 5.59 28.41 -8.95
C PHE A 97 6.93 27.98 -8.33
N LEU A 98 7.54 26.92 -8.87
CA LEU A 98 8.89 26.53 -8.44
C LEU A 98 9.92 27.13 -9.41
N PRO A 99 10.73 28.07 -8.91
CA PRO A 99 11.53 28.94 -9.82
C PRO A 99 12.65 28.23 -10.64
N TYR A 100 13.06 27.01 -10.28
CA TYR A 100 14.09 26.29 -11.03
C TYR A 100 13.49 25.45 -12.18
N GLY A 101 12.15 25.40 -12.24
CA GLY A 101 11.51 24.75 -13.38
C GLY A 101 11.68 23.25 -13.28
N SER A 102 11.59 22.54 -14.41
CA SER A 102 11.51 21.08 -14.32
C SER A 102 12.89 20.50 -14.04
N LEU A 103 12.93 19.31 -13.44
CA LEU A 103 14.22 18.69 -13.15
C LEU A 103 14.92 18.36 -14.47
N ARG A 104 14.13 18.03 -15.49
CA ARG A 104 14.71 17.78 -16.81
C ARG A 104 15.58 18.96 -17.31
N GLU A 105 15.00 20.16 -17.32
CA GLU A 105 15.69 21.29 -17.93
C GLU A 105 16.83 21.69 -16.97
N TYR A 106 16.55 21.61 -15.68
CA TYR A 106 17.53 21.96 -14.67
C TYR A 106 18.80 21.12 -14.87
N LEU A 107 18.60 19.81 -14.96
CA LEU A 107 19.74 18.93 -15.13
C LEU A 107 20.53 19.18 -16.42
N GLN A 108 19.82 19.48 -17.51
CA GLN A 108 20.37 19.74 -18.83
C GLN A 108 21.31 20.94 -18.75
N LYS A 109 20.92 21.94 -18.01
CA LYS A 109 21.64 23.20 -17.93
C LYS A 109 22.66 23.27 -16.78
N HIS A 110 22.60 22.35 -15.82
CA HIS A 110 23.52 22.49 -14.68
C HIS A 110 24.32 21.24 -14.41
N LYS A 111 24.34 20.36 -15.41
CA LYS A 111 24.90 19.03 -15.20
C LYS A 111 26.32 19.05 -14.62
N GLU A 112 27.10 20.10 -14.90
CA GLU A 112 28.47 20.14 -14.34
C GLU A 112 28.50 20.54 -12.86
N ARG A 113 27.38 21.03 -12.37
CA ARG A 113 27.23 21.37 -10.95
C ARG A 113 26.54 20.25 -10.15
N ILE A 114 25.88 19.31 -10.81
CA ILE A 114 25.09 18.29 -10.12
C ILE A 114 25.78 16.92 -10.14
N ASP A 115 26.35 16.52 -8.99
CA ASP A 115 27.03 15.24 -8.93
C ASP A 115 26.09 14.05 -8.58
N HIS A 116 26.65 12.85 -8.47
CA HIS A 116 25.84 11.63 -8.26
C HIS A 116 25.07 11.63 -6.92
N ILE A 117 25.76 12.12 -5.90
CA ILE A 117 25.21 12.22 -4.55
C ILE A 117 23.95 13.10 -4.60
N LYS A 118 24.05 14.19 -5.31
CA LYS A 118 22.91 15.04 -5.54
C LYS A 118 21.77 14.37 -6.33
N LEU A 119 22.08 13.60 -7.36
CA LEU A 119 21.01 12.87 -8.08
C LEU A 119 20.35 11.88 -7.13
N LEU A 120 21.15 11.28 -6.25
CA LEU A 120 20.55 10.29 -5.33
C LEU A 120 19.62 10.97 -4.29
N GLN A 121 19.99 12.18 -3.90
CA GLN A 121 19.13 13.00 -3.03
C GLN A 121 17.79 13.25 -3.74
N TYR A 122 17.84 13.67 -5.01
CA TYR A 122 16.59 13.88 -5.74
C TYR A 122 15.80 12.57 -5.86
N THR A 123 16.53 11.48 -6.13
CA THR A 123 15.90 10.18 -6.36
C THR A 123 15.12 9.75 -5.11
N SER A 124 15.76 9.98 -3.98
CA SER A 124 15.19 9.67 -2.69
C SER A 124 13.88 10.48 -2.48
N GLN A 125 13.93 11.76 -2.80
CA GLN A 125 12.78 12.63 -2.62
C GLN A 125 11.65 12.18 -3.54
N ILE A 126 12.00 11.79 -4.76
CA ILE A 126 10.97 11.31 -5.69
C ILE A 126 10.30 10.04 -5.13
N CYS A 127 11.09 9.13 -4.55
CA CYS A 127 10.53 7.91 -3.95
C CYS A 127 9.58 8.23 -2.81
N LYS A 128 9.94 9.23 -2.00
CA LYS A 128 9.09 9.60 -0.85
C LYS A 128 7.76 10.20 -1.32
N GLY A 129 7.84 11.07 -2.33
CA GLY A 129 6.62 11.59 -2.93
C GLY A 129 5.72 10.47 -3.47
N MET A 130 6.31 9.53 -4.23
CA MET A 130 5.56 8.43 -4.85
C MET A 130 4.99 7.50 -3.79
N GLU A 131 5.75 7.28 -2.72
CA GLU A 131 5.22 6.38 -1.68
C GLU A 131 3.96 7.03 -1.09
N TYR A 132 4.01 8.34 -0.89
CA TYR A 132 2.87 9.06 -0.35
C TYR A 132 1.65 8.89 -1.27
N LEU A 133 1.86 9.02 -2.58
CA LEU A 133 0.76 8.78 -3.53
C LEU A 133 0.13 7.38 -3.37
N GLY A 134 0.99 6.37 -3.35
CA GLY A 134 0.56 4.97 -3.22
C GLY A 134 -0.28 4.76 -1.96
N THR A 135 0.08 5.52 -0.95
CA THR A 135 -0.63 5.56 0.33
C THR A 135 -2.09 6.01 0.10
N LYS A 136 -2.32 6.80 -0.95
CA LYS A 136 -3.69 7.24 -1.23
C LYS A 136 -4.30 6.38 -2.35
N ARG A 137 -3.58 5.34 -2.79
CA ARG A 137 -4.07 4.49 -3.87
C ARG A 137 -4.16 5.30 -5.17
N TYR A 138 -3.28 6.28 -5.30
CA TYR A 138 -3.11 7.04 -6.51
C TYR A 138 -2.01 6.44 -7.38
N ILE A 139 -2.34 6.19 -8.65
CA ILE A 139 -1.35 5.77 -9.64
C ILE A 139 -0.98 6.98 -10.51
N HIS A 140 0.30 7.34 -10.52
CA HIS A 140 0.73 8.56 -11.22
C HIS A 140 0.65 8.46 -12.75
N ARG A 141 1.17 7.36 -13.29
CA ARG A 141 1.06 7.01 -14.71
C ARG A 141 1.89 7.88 -15.65
N ASP A 142 2.63 8.86 -15.12
CA ASP A 142 3.37 9.70 -16.07
C ASP A 142 4.68 10.19 -15.44
N LEU A 143 5.29 9.35 -14.63
CA LEU A 143 6.54 9.71 -13.98
C LEU A 143 7.64 9.97 -15.02
N ALA A 144 8.30 11.11 -14.97
CA ALA A 144 9.28 11.43 -15.99
C ALA A 144 9.95 12.71 -15.51
N THR A 145 11.21 12.93 -15.87
CA THR A 145 11.89 14.08 -15.27
C THR A 145 11.21 15.41 -15.68
N ARG A 146 10.58 15.47 -16.83
CA ARG A 146 9.90 16.71 -17.25
CA ARG A 146 9.86 16.62 -17.29
C ARG A 146 8.72 16.91 -16.34
N ASN A 147 8.29 16.03 -15.52
CA ASN A 147 7.16 16.24 -14.63
C ASN A 147 7.58 16.38 -13.17
N ILE A 148 8.90 16.43 -12.95
CA ILE A 148 9.41 16.69 -11.62
C ILE A 148 9.91 18.14 -11.56
N LEU A 149 9.66 18.84 -10.46
CA LEU A 149 10.08 20.22 -10.36
C LEU A 149 11.17 20.38 -9.33
N VAL A 150 11.96 21.44 -9.52
CA VAL A 150 13.08 21.75 -8.66
C VAL A 150 12.72 23.01 -7.86
N GLU A 151 12.55 22.84 -6.56
CA GLU A 151 12.17 23.96 -5.71
C GLU A 151 13.40 24.74 -5.34
N ASN A 152 14.46 24.01 -5.07
CA ASN A 152 15.77 24.63 -4.89
C ASN A 152 16.76 23.48 -5.04
N GLU A 153 18.04 23.82 -4.93
CA GLU A 153 19.12 22.87 -5.23
C GLU A 153 19.08 21.58 -4.44
N ASN A 154 18.48 21.64 -3.28
CA ASN A 154 18.31 20.54 -2.40
C ASN A 154 16.93 19.89 -2.33
N ARG A 155 15.99 20.30 -3.15
CA ARG A 155 14.65 19.73 -3.03
C ARG A 155 13.92 19.70 -4.36
N VAL A 156 13.32 18.56 -4.66
CA VAL A 156 12.45 18.45 -5.84
C VAL A 156 11.07 17.99 -5.41
N LYS A 157 10.11 18.17 -6.31
CA LYS A 157 8.71 17.80 -6.05
C LYS A 157 8.10 17.21 -7.31
N ILE A 158 7.21 16.26 -7.13
CA ILE A 158 6.42 15.81 -8.27
C ILE A 158 5.50 16.95 -8.68
N GLY A 159 5.45 17.28 -9.97
CA GLY A 159 4.93 18.58 -10.35
C GLY A 159 3.74 18.58 -11.30
N ASP A 160 3.23 17.40 -11.65
CA ASP A 160 2.06 17.34 -12.54
C ASP A 160 1.29 16.03 -12.30
N PHE A 161 -0.04 16.10 -12.41
CA PHE A 161 -0.86 14.92 -12.06
C PHE A 161 -1.94 14.67 -13.13
N GLY A 162 -1.67 15.14 -14.35
CA GLY A 162 -2.61 15.06 -15.46
C GLY A 162 -3.16 13.68 -15.82
N LEU A 163 -2.39 12.61 -15.53
CA LEU A 163 -2.81 11.25 -15.93
C LEU A 163 -3.04 10.41 -14.69
N THR A 164 -3.02 11.04 -13.52
CA THR A 164 -3.11 10.31 -12.27
C THR A 164 -4.49 9.75 -12.06
N LYS A 165 -4.56 8.49 -11.61
CA LYS A 165 -5.81 7.77 -11.37
C LYS A 165 -5.86 7.24 -9.95
N VAL A 166 -7.07 7.05 -9.44
CA VAL A 166 -7.28 6.40 -8.17
C VAL A 166 -7.60 4.95 -8.47
N LEU A 167 -6.94 4.01 -7.78
CA LEU A 167 -7.27 2.60 -7.96
C LEU A 167 -8.73 2.30 -7.60
N PRO A 168 -9.36 1.33 -8.29
CA PRO A 168 -10.69 0.89 -7.81
C PRO A 168 -10.50 0.33 -6.41
N GLN A 169 -11.56 0.20 -5.63
CA GLN A 169 -11.44 -0.26 -4.24
C GLN A 169 -10.99 -1.72 -4.16
N ASP A 170 -11.37 -2.50 -5.16
CA ASP A 170 -11.25 -3.95 -5.09
C ASP A 170 -10.09 -4.48 -5.92
N LYS A 171 -9.27 -3.58 -6.46
CA LYS A 171 -8.24 -4.03 -7.40
C LYS A 171 -6.97 -3.25 -7.20
N GLU A 172 -5.85 -3.85 -7.59
CA GLU A 172 -4.54 -3.24 -7.43
C GLU A 172 -4.02 -2.67 -8.73
N PTR A 173 -4.86 -2.63 -9.76
CA PTR A 173 -4.44 -2.03 -11.03
C PTR A 173 -5.68 -1.33 -11.56
O PTR A 173 -6.81 -1.65 -11.18
CB PTR A 173 -3.98 -3.03 -12.11
CG PTR A 173 -4.97 -4.16 -12.36
CD1 PTR A 173 -4.91 -5.33 -11.63
CD2 PTR A 173 -5.97 -4.05 -13.36
CE1 PTR A 173 -5.81 -6.37 -11.86
CE2 PTR A 173 -6.87 -5.09 -13.60
CZ PTR A 173 -6.80 -6.25 -12.84
OH PTR A 173 -7.69 -7.21 -13.03
P PTR A 173 -7.39 -8.71 -13.60
O1P PTR A 173 -8.58 -9.62 -13.52
O2P PTR A 173 -6.26 -9.38 -12.76
O3P PTR A 173 -6.97 -8.57 -15.08
N PTR A 174 -5.44 -0.40 -12.46
CA PTR A 174 -6.48 0.36 -13.10
C PTR A 174 -6.18 0.25 -14.61
O PTR A 174 -5.06 0.51 -15.07
CB PTR A 174 -6.33 1.80 -12.60
CG PTR A 174 -7.35 2.71 -13.20
CD1 PTR A 174 -7.16 3.24 -14.45
CD2 PTR A 174 -8.53 3.04 -12.50
CE1 PTR A 174 -8.08 4.05 -15.05
CE2 PTR A 174 -9.48 3.87 -13.09
CZ PTR A 174 -9.24 4.37 -14.37
OH PTR A 174 -10.01 5.16 -15.06
P PTR A 174 -11.41 5.83 -14.67
O1P PTR A 174 -11.60 5.93 -13.20
O2P PTR A 174 -12.54 4.98 -15.29
O3P PTR A 174 -11.33 7.24 -15.32
N LYS A 175 -7.17 -0.18 -15.37
CA LYS A 175 -7.03 -0.40 -16.80
C LYS A 175 -7.57 0.83 -17.51
N VAL A 176 -6.75 1.46 -18.35
CA VAL A 176 -7.24 2.64 -19.05
C VAL A 176 -6.51 2.77 -20.38
N LYS A 177 -7.26 3.10 -21.42
CA LYS A 177 -6.69 3.34 -22.74
C LYS A 177 -7.05 4.75 -23.21
N GLU A 178 -6.06 5.64 -23.27
CA GLU A 178 -6.33 7.03 -23.67
C GLU A 178 -6.13 7.34 -25.17
N PRO A 179 -6.88 8.33 -25.69
CA PRO A 179 -6.81 8.76 -27.10
C PRO A 179 -5.46 9.45 -27.42
N GLY A 180 -5.05 9.33 -28.68
CA GLY A 180 -3.83 9.97 -29.14
C GLY A 180 -2.53 9.33 -28.65
N GLU A 181 -1.71 10.11 -27.92
CA GLU A 181 -0.31 9.75 -27.71
C GLU A 181 0.07 9.39 -26.27
N SER A 182 0.77 8.27 -26.11
CA SER A 182 1.31 7.88 -24.81
C SER A 182 2.82 7.93 -24.76
N PRO A 183 3.38 8.19 -23.56
CA PRO A 183 4.84 8.12 -23.32
C PRO A 183 5.25 6.65 -23.20
N ILE A 184 5.11 5.92 -24.30
CA ILE A 184 5.33 4.47 -24.34
C ILE A 184 6.74 4.05 -23.88
N PHE A 185 7.73 4.92 -24.03
CA PHE A 185 9.11 4.54 -23.69
C PHE A 185 9.38 4.58 -22.19
N TRP A 186 8.36 5.02 -21.43
CA TRP A 186 8.43 5.02 -19.95
C TRP A 186 7.49 3.95 -19.39
N TYR A 187 6.79 3.26 -20.29
CA TYR A 187 5.68 2.38 -19.86
C TYR A 187 6.13 0.96 -19.55
N ALA A 188 5.58 0.39 -18.49
CA ALA A 188 5.80 -1.02 -18.19
C ALA A 188 5.16 -1.89 -19.27
N PRO A 189 5.71 -3.10 -19.48
CA PRO A 189 5.23 -4.04 -20.52
C PRO A 189 3.72 -4.25 -20.41
N GLU A 190 3.21 -4.49 -19.19
CA GLU A 190 1.78 -4.76 -18.98
C GLU A 190 0.94 -3.50 -19.18
N SER A 191 1.56 -2.32 -19.11
CA SER A 191 0.82 -1.12 -19.49
C SER A 191 0.70 -1.05 -21.01
N LEU A 192 1.76 -1.46 -21.71
CA LEU A 192 1.75 -1.49 -23.18
C LEU A 192 0.80 -2.57 -23.68
N THR A 193 0.89 -3.74 -23.06
CA THR A 193 0.16 -4.88 -23.64
C THR A 193 -1.28 -4.96 -23.17
N GLU A 194 -1.54 -4.56 -21.92
CA GLU A 194 -2.87 -4.78 -21.33
C GLU A 194 -3.52 -3.48 -20.83
N SER A 195 -2.81 -2.36 -20.96
CA SER A 195 -3.31 -1.07 -20.47
C SER A 195 -3.53 -1.07 -18.96
N LYS A 196 -2.67 -1.81 -18.24
CA LYS A 196 -2.79 -1.93 -16.78
C LYS A 196 -1.78 -1.04 -16.12
N PHE A 197 -2.25 -0.20 -15.20
CA PHE A 197 -1.39 0.73 -14.46
C PHE A 197 -1.58 0.44 -12.97
N SER A 198 -0.49 0.49 -12.22
CA SER A 198 -0.50 0.03 -10.84
C SER A 198 0.71 0.69 -10.19
N VAL A 199 0.83 0.56 -8.87
CA VAL A 199 2.02 1.05 -8.17
C VAL A 199 3.26 0.46 -8.84
N ALA A 200 3.18 -0.82 -9.22
CA ALA A 200 4.33 -1.49 -9.84
C ALA A 200 4.69 -0.90 -11.21
N SER A 201 3.69 -0.45 -11.97
CA SER A 201 4.06 0.20 -13.24
C SER A 201 4.65 1.58 -12.96
N ASP A 202 4.20 2.24 -11.88
CA ASP A 202 4.86 3.49 -11.51
C ASP A 202 6.32 3.18 -11.16
N VAL A 203 6.57 2.04 -10.51
CA VAL A 203 7.96 1.64 -10.18
C VAL A 203 8.78 1.43 -11.47
N TRP A 204 8.19 0.79 -12.46
CA TRP A 204 8.87 0.61 -13.74
C TRP A 204 9.28 1.99 -14.26
N SER A 205 8.33 2.92 -14.31
CA SER A 205 8.62 4.26 -14.89
C SER A 205 9.65 4.98 -13.99
N PHE A 206 9.59 4.76 -12.69
CA PHE A 206 10.59 5.39 -11.83
C PHE A 206 11.97 4.88 -12.23
N GLY A 207 12.04 3.61 -12.67
CA GLY A 207 13.33 3.07 -13.11
C GLY A 207 13.82 3.89 -14.30
N VAL A 208 12.87 4.33 -15.14
CA VAL A 208 13.24 5.10 -16.32
C VAL A 208 13.65 6.51 -15.89
N VAL A 209 12.94 7.10 -14.91
CA VAL A 209 13.39 8.40 -14.37
C VAL A 209 14.86 8.34 -13.89
N LEU A 210 15.20 7.23 -13.22
CA LEU A 210 16.55 7.11 -12.66
C LEU A 210 17.51 7.01 -13.82
N TYR A 211 17.12 6.27 -14.86
CA TYR A 211 17.96 6.18 -16.04
C TYR A 211 18.18 7.60 -16.60
N GLU A 212 17.10 8.35 -16.75
CA GLU A 212 17.20 9.72 -17.29
C GLU A 212 18.19 10.56 -16.48
N LEU A 213 18.03 10.52 -15.16
CA LEU A 213 18.88 11.31 -14.30
C LEU A 213 20.33 10.95 -14.58
N PHE A 214 20.65 9.67 -14.63
CA PHE A 214 22.08 9.33 -14.75
C PHE A 214 22.68 9.51 -16.14
N THR A 215 21.84 9.70 -17.16
CA THR A 215 22.35 10.03 -18.48
C THR A 215 22.49 11.54 -18.55
N TYR A 216 22.11 12.22 -17.46
CA TYR A 216 22.10 13.70 -17.45
C TYR A 216 21.28 14.33 -18.62
N ILE A 217 20.21 13.65 -19.04
CA ILE A 217 19.37 14.10 -20.15
C ILE A 217 20.17 14.27 -21.45
N GLU A 218 21.20 13.46 -21.67
CA GLU A 218 21.91 13.53 -22.96
C GLU A 218 20.96 13.06 -24.09
N LYS A 219 20.80 13.89 -25.10
CA LYS A 219 19.73 13.69 -26.08
C LYS A 219 19.86 12.33 -26.79
N SER A 220 21.06 12.03 -27.27
CA SER A 220 21.26 10.78 -27.98
C SER A 220 21.05 9.59 -27.06
N LYS A 221 20.94 9.83 -25.75
CA LYS A 221 20.77 8.73 -24.80
C LYS A 221 19.36 8.59 -24.26
N SER A 222 18.46 9.49 -24.68
CA SER A 222 17.09 9.43 -24.16
C SER A 222 16.47 8.06 -24.39
N PRO A 223 15.47 7.71 -23.57
CA PRO A 223 14.78 6.42 -23.76
C PRO A 223 14.24 6.24 -25.19
N PRO A 224 13.52 7.24 -25.74
CA PRO A 224 13.06 7.08 -27.14
C PRO A 224 14.22 6.76 -28.10
N ALA A 225 15.30 7.56 -28.08
CA ALA A 225 16.44 7.32 -28.96
C ALA A 225 17.06 5.91 -28.79
N GLU A 226 17.31 5.49 -27.57
CA GLU A 226 17.84 4.15 -27.31
C GLU A 226 16.98 2.99 -27.66
N PHE A 227 15.72 3.02 -27.27
CA PHE A 227 14.75 2.03 -27.70
C PHE A 227 14.55 1.99 -29.24
N MET A 228 14.48 3.15 -29.86
CA MET A 228 14.29 3.25 -31.30
C MET A 228 15.44 2.63 -32.02
N ARG A 229 16.63 2.85 -31.52
CA ARG A 229 17.86 2.31 -32.00
CA ARG A 229 17.87 2.21 -31.97
C ARG A 229 17.98 0.74 -31.85
N MET A 230 17.49 0.27 -30.74
CA MET A 230 17.42 -1.19 -30.54
C MET A 230 16.36 -1.88 -31.42
N ILE A 231 15.25 -1.20 -31.64
CA ILE A 231 14.15 -1.72 -32.47
C ILE A 231 14.44 -1.58 -33.97
N GLY A 232 15.15 -0.52 -34.35
CA GLY A 232 15.37 -0.19 -35.75
C GLY A 232 14.44 0.94 -36.16
N ASN A 233 15.00 1.98 -36.79
CA ASN A 233 14.23 3.15 -37.21
C ASN A 233 13.72 3.08 -38.64
N ASP A 234 13.66 1.86 -39.13
CA ASP A 234 12.89 1.53 -40.29
C ASP A 234 11.57 1.31 -39.62
N LYS A 235 11.54 1.53 -38.31
CA LYS A 235 10.34 1.20 -37.59
C LYS A 235 9.24 2.24 -37.70
N GLN A 236 8.13 1.73 -38.15
CA GLN A 236 7.08 2.51 -38.73
C GLN A 236 5.99 2.48 -37.71
N GLY A 237 5.54 3.66 -37.41
CA GLY A 237 5.12 4.00 -36.07
C GLY A 237 4.12 3.11 -35.35
N GLN A 238 3.12 2.60 -36.06
CA GLN A 238 2.14 1.72 -35.41
C GLN A 238 2.79 0.44 -34.87
N MET A 239 3.72 -0.10 -35.63
CA MET A 239 4.45 -1.33 -35.30
C MET A 239 5.45 -1.09 -34.16
N ILE A 240 5.76 0.18 -33.91
CA ILE A 240 6.72 0.52 -32.86
C ILE A 240 6.33 -0.08 -31.51
N VAL A 241 5.09 0.11 -31.11
CA VAL A 241 4.61 -0.45 -29.85
C VAL A 241 4.71 -1.96 -29.87
N PHE A 242 4.35 -2.56 -31.00
CA PHE A 242 4.47 -4.01 -31.11
C PHE A 242 5.94 -4.44 -30.94
N HIS A 243 6.86 -3.76 -31.62
CA HIS A 243 8.27 -4.11 -31.53
C HIS A 243 8.84 -3.78 -30.14
N LEU A 244 8.36 -2.69 -29.54
CA LEU A 244 8.82 -2.35 -28.20
C LEU A 244 8.40 -3.49 -27.24
N ILE A 245 7.15 -3.90 -27.36
CA ILE A 245 6.66 -5.01 -26.56
C ILE A 245 7.56 -6.24 -26.69
N GLU A 246 7.91 -6.61 -27.93
CA GLU A 246 8.74 -7.80 -28.16
C GLU A 246 10.13 -7.64 -27.57
N LEU A 247 10.67 -6.44 -27.69
CA LEU A 247 11.98 -6.13 -27.16
C LEU A 247 12.05 -6.37 -25.62
N LEU A 248 11.13 -5.74 -24.91
CA LEU A 248 11.03 -5.89 -23.45
C LEU A 248 10.81 -7.35 -23.03
N LYS A 249 9.97 -8.03 -23.79
CA LYS A 249 9.67 -9.42 -23.50
C LYS A 249 10.92 -10.31 -23.59
N ASN A 250 11.85 -9.93 -24.47
CA ASN A 250 13.11 -10.68 -24.65
C ASN A 250 14.25 -10.08 -23.82
N ASN A 251 13.87 -9.31 -22.79
CA ASN A 251 14.84 -8.64 -21.92
C ASN A 251 15.72 -7.61 -22.61
N GLY A 252 15.22 -6.96 -23.66
CA GLY A 252 15.89 -5.76 -24.12
C GLY A 252 15.70 -4.73 -23.01
N ARG A 253 16.74 -3.94 -22.73
CA ARG A 253 16.70 -2.91 -21.67
C ARG A 253 17.59 -1.72 -22.05
N LEU A 254 17.23 -0.53 -21.56
CA LEU A 254 18.11 0.64 -21.64
C LEU A 254 19.49 0.26 -21.08
N PRO A 255 20.59 0.74 -21.73
CA PRO A 255 21.94 0.41 -21.25
C PRO A 255 22.23 1.15 -19.94
N ARG A 256 23.29 0.76 -19.23
CA ARG A 256 23.76 1.53 -18.08
C ARG A 256 24.33 2.87 -18.61
N PRO A 257 23.86 4.01 -18.10
CA PRO A 257 24.39 5.32 -18.53
C PRO A 257 25.89 5.45 -18.26
N ASP A 258 26.56 6.32 -19.00
CA ASP A 258 28.00 6.54 -18.83
C ASP A 258 28.24 7.02 -17.38
N GLY A 259 29.23 6.45 -16.71
CA GLY A 259 29.55 6.83 -15.33
C GLY A 259 28.66 6.22 -14.23
N CYS A 260 27.58 5.54 -14.58
CA CYS A 260 26.65 5.08 -13.54
C CYS A 260 27.25 3.87 -12.82
N PRO A 261 27.30 3.89 -11.47
CA PRO A 261 27.78 2.73 -10.68
C PRO A 261 26.90 1.46 -10.91
N ASP A 262 27.44 0.25 -10.74
CA ASP A 262 26.63 -0.98 -10.93
C ASP A 262 25.45 -1.07 -9.98
N GLU A 263 25.68 -0.66 -8.73
CA GLU A 263 24.64 -0.69 -7.70
C GLU A 263 23.46 0.21 -8.07
N ILE A 264 23.72 1.35 -8.74
CA ILE A 264 22.61 2.18 -9.18
C ILE A 264 21.91 1.57 -10.40
N TYR A 265 22.70 1.07 -11.37
CA TYR A 265 22.12 0.38 -12.52
C TYR A 265 21.30 -0.85 -12.06
N MET A 266 21.76 -1.51 -11.00
CA MET A 266 21.04 -2.71 -10.52
C MET A 266 19.64 -2.33 -10.04
N ILE A 267 19.52 -1.13 -9.48
CA ILE A 267 18.22 -0.67 -8.99
C ILE A 267 17.29 -0.44 -10.17
N MET A 268 17.83 0.18 -11.24
CA MET A 268 17.08 0.36 -12.48
C MET A 268 16.60 -0.99 -13.01
N THR A 269 17.54 -1.92 -13.14
CA THR A 269 17.22 -3.18 -13.77
C THR A 269 16.19 -3.94 -12.92
N GLU A 270 16.22 -3.76 -11.61
CA GLU A 270 15.21 -4.41 -10.77
C GLU A 270 13.84 -3.76 -10.90
N CYS A 271 13.84 -2.45 -11.17
CA CYS A 271 12.57 -1.79 -11.46
C CYS A 271 11.99 -2.29 -12.79
N TRP A 272 12.87 -2.68 -13.70
CA TRP A 272 12.43 -3.10 -15.01
C TRP A 272 12.24 -4.63 -15.02
N ASN A 273 11.64 -5.20 -13.98
CA ASN A 273 11.35 -6.62 -14.02
C ASN A 273 10.07 -6.85 -14.83
N ASN A 274 10.06 -7.80 -15.77
CA ASN A 274 8.79 -8.14 -16.44
C ASN A 274 7.76 -8.66 -15.44
N ASN A 275 8.22 -9.27 -14.33
CA ASN A 275 7.26 -9.87 -13.38
C ASN A 275 6.81 -8.76 -12.47
N VAL A 276 5.56 -8.34 -12.66
CA VAL A 276 5.06 -7.17 -12.00
C VAL A 276 5.30 -7.24 -10.47
N ASN A 277 5.06 -8.40 -9.86
CA ASN A 277 5.14 -8.53 -8.41
C ASN A 277 6.58 -8.57 -7.91
N GLN A 278 7.55 -8.73 -8.80
CA GLN A 278 8.95 -8.74 -8.37
C GLN A 278 9.67 -7.37 -8.36
N ARG A 279 9.00 -6.30 -8.78
CA ARG A 279 9.64 -4.97 -8.68
C ARG A 279 9.67 -4.49 -7.22
N PRO A 280 10.72 -3.73 -6.84
CA PRO A 280 10.85 -3.19 -5.47
C PRO A 280 9.66 -2.27 -5.10
N SER A 281 9.38 -2.07 -3.82
CA SER A 281 8.36 -1.12 -3.38
C SER A 281 9.03 0.28 -3.36
N PHE A 282 8.27 1.37 -3.38
CA PHE A 282 8.94 2.66 -3.23
C PHE A 282 9.65 2.87 -1.88
N ARG A 283 9.10 2.26 -0.82
CA ARG A 283 9.78 2.27 0.49
C ARG A 283 11.18 1.60 0.48
N ASP A 284 11.28 0.44 -0.16
CA ASP A 284 12.59 -0.24 -0.32
C ASP A 284 13.54 0.56 -1.21
N LEU A 285 13.01 1.17 -2.27
CA LEU A 285 13.80 2.03 -3.13
C LEU A 285 14.44 3.16 -2.31
N ALA A 286 13.63 3.87 -1.52
CA ALA A 286 14.15 4.97 -0.70
C ALA A 286 15.25 4.44 0.22
N LEU A 287 15.00 3.27 0.83
CA LEU A 287 15.92 2.67 1.78
C LEU A 287 17.26 2.40 1.09
N ARG A 288 17.20 1.77 -0.08
CA ARG A 288 18.40 1.42 -0.81
C ARG A 288 19.15 2.67 -1.29
N VAL A 289 18.42 3.62 -1.85
CA VAL A 289 19.04 4.83 -2.38
C VAL A 289 19.70 5.55 -1.23
N ASP A 290 19.02 5.62 -0.08
CA ASP A 290 19.57 6.35 1.06
C ASP A 290 20.79 5.64 1.63
N GLN A 291 20.82 4.32 1.51
CA GLN A 291 21.99 3.58 1.99
C GLN A 291 23.20 3.81 1.07
N ILE A 292 22.96 3.89 -0.25
CA ILE A 292 24.05 4.16 -1.18
C ILE A 292 24.59 5.57 -0.97
N ARG A 293 23.69 6.52 -0.73
CA ARG A 293 24.09 7.87 -0.33
C ARG A 293 25.00 7.86 0.88
N ASP A 294 24.54 7.26 1.97
CA ASP A 294 25.30 7.27 3.22
C ASP A 294 26.69 6.68 3.02
N ASN A 295 26.76 5.71 2.13
CA ASN A 295 28.00 5.03 1.83
C ASN A 295 28.92 5.83 0.90
N MET A 296 28.34 6.65 0.05
CA MET A 296 29.14 7.47 -0.85
C MET A 296 29.68 8.67 -0.08
N ALA A 297 29.22 8.84 1.15
CA ALA A 297 29.73 9.91 2.01
C ALA A 297 31.23 9.75 2.29
N GLY A 298 31.65 8.53 2.60
CA GLY A 298 33.05 8.24 2.90
C GLY A 298 33.28 6.89 3.58
N ASP B 6 15.21 -28.87 0.12
CA ASP B 6 13.95 -29.33 0.68
C ASP B 6 12.77 -28.91 -0.18
N PRO B 7 11.65 -29.68 -0.09
CA PRO B 7 10.34 -29.27 -0.58
C PRO B 7 9.88 -28.02 0.18
N THR B 8 10.69 -27.64 1.18
CA THR B 8 10.52 -26.42 1.98
C THR B 8 11.16 -25.18 1.32
N GLN B 9 12.04 -25.42 0.36
CA GLN B 9 12.64 -24.33 -0.39
C GLN B 9 11.96 -24.17 -1.74
N PHE B 10 11.38 -22.99 -1.94
CA PHE B 10 10.77 -22.67 -3.22
C PHE B 10 11.67 -21.70 -4.01
N GLU B 11 11.84 -22.00 -5.30
CA GLU B 11 12.64 -21.12 -6.15
C GLU B 11 11.78 -20.04 -6.80
N GLU B 12 12.25 -18.81 -6.71
CA GLU B 12 11.44 -17.69 -7.16
C GLU B 12 11.08 -17.84 -8.63
N ARG B 13 12.05 -18.31 -9.42
CA ARG B 13 11.81 -18.46 -10.86
C ARG B 13 10.59 -19.32 -11.18
N HIS B 14 10.21 -20.23 -10.28
CA HIS B 14 9.10 -21.12 -10.57
C HIS B 14 7.79 -20.55 -10.00
N LEU B 15 7.87 -19.41 -9.33
CA LEU B 15 6.68 -18.93 -8.60
C LEU B 15 5.90 -17.99 -9.51
N LYS B 16 4.82 -18.47 -10.10
CA LYS B 16 4.07 -17.66 -11.07
C LYS B 16 3.01 -16.82 -10.36
N PHE B 17 3.15 -15.49 -10.49
CA PHE B 17 2.26 -14.53 -9.83
C PHE B 17 0.88 -14.52 -10.48
N LEU B 18 -0.17 -14.68 -9.69
CA LEU B 18 -1.53 -14.66 -10.24
C LEU B 18 -2.26 -13.38 -9.82
N ARG B 19 -2.30 -13.12 -8.50
CA ARG B 19 -2.88 -11.86 -8.01
C ARG B 19 -2.54 -11.61 -6.55
N GLN B 20 -2.73 -10.36 -6.13
CA GLN B 20 -2.55 -10.02 -4.74
C GLN B 20 -3.73 -10.48 -3.90
N LEU B 21 -3.45 -10.91 -2.68
CA LEU B 21 -4.53 -11.41 -1.83
C LEU B 21 -4.86 -10.43 -0.69
N GLY B 22 -3.85 -9.70 -0.23
CA GLY B 22 -4.07 -8.71 0.82
C GLY B 22 -2.80 -7.96 1.10
N LYS B 23 -2.87 -7.04 2.07
CA LYS B 23 -1.67 -6.31 2.48
C LYS B 23 -1.77 -5.98 3.97
N GLY B 24 -0.61 -5.86 4.62
CA GLY B 24 -0.54 -5.36 5.99
C GLY B 24 0.19 -4.01 5.94
N ASN B 25 0.69 -3.55 7.09
CA ASN B 25 1.37 -2.27 7.15
C ASN B 25 2.66 -2.18 6.32
N PHE B 26 3.42 -3.28 6.30
CA PHE B 26 4.70 -3.32 5.58
C PHE B 26 4.90 -4.65 4.91
N GLY B 27 3.79 -5.33 4.68
CA GLY B 27 3.84 -6.60 3.99
C GLY B 27 2.58 -6.82 3.17
N SER B 28 2.63 -7.86 2.33
CA SER B 28 1.49 -8.25 1.52
C SER B 28 1.57 -9.75 1.22
N VAL B 29 0.45 -10.30 0.83
CA VAL B 29 0.35 -11.71 0.54
C VAL B 29 -0.16 -11.87 -0.89
N GLU B 30 0.53 -12.71 -1.67
CA GLU B 30 0.21 -12.90 -3.09
C GLU B 30 -0.23 -14.33 -3.34
N MET B 31 -1.12 -14.51 -4.32
CA MET B 31 -1.45 -15.84 -4.82
C MET B 31 -0.46 -16.14 -5.95
N CYS B 32 0.26 -17.26 -5.84
CA CYS B 32 1.15 -17.70 -6.90
C CYS B 32 1.04 -19.17 -7.21
N ARG B 33 1.23 -19.53 -8.48
CA ARG B 33 1.34 -20.93 -8.82
C ARG B 33 2.82 -21.33 -8.79
N TYR B 34 3.13 -22.37 -8.03
CA TYR B 34 4.49 -22.91 -8.04
C TYR B 34 4.57 -23.95 -9.17
N ASP B 35 5.31 -23.63 -10.23
CA ASP B 35 5.22 -24.43 -11.46
C ASP B 35 6.58 -24.84 -12.07
N PRO B 36 7.36 -25.65 -11.34
CA PRO B 36 8.70 -26.08 -11.78
C PRO B 36 8.68 -26.72 -13.15
N LEU B 37 7.58 -27.37 -13.50
CA LEU B 37 7.50 -28.06 -14.78
C LEU B 37 7.05 -27.10 -15.87
N GLN B 38 6.77 -25.85 -15.50
CA GLN B 38 6.27 -24.85 -16.45
C GLN B 38 5.13 -25.38 -17.32
N ASP B 39 4.14 -26.05 -16.71
CA ASP B 39 3.07 -26.66 -17.49
C ASP B 39 1.72 -26.42 -16.81
N ASN B 40 1.74 -25.63 -15.75
CA ASN B 40 0.50 -25.30 -15.03
C ASN B 40 -0.08 -26.44 -14.18
N THR B 41 0.74 -27.45 -13.91
CA THR B 41 0.36 -28.59 -13.10
C THR B 41 0.80 -28.36 -11.66
N GLY B 42 1.26 -27.13 -11.39
CA GLY B 42 1.80 -26.80 -10.09
C GLY B 42 0.69 -26.33 -9.18
N GLU B 43 0.91 -26.44 -7.87
CA GLU B 43 -0.12 -26.03 -6.91
C GLU B 43 -0.04 -24.52 -6.61
N VAL B 44 -1.19 -23.94 -6.32
CA VAL B 44 -1.32 -22.53 -6.02
C VAL B 44 -0.99 -22.37 -4.55
N VAL B 45 -0.09 -21.44 -4.25
CA VAL B 45 0.33 -21.22 -2.87
C VAL B 45 0.14 -19.75 -2.55
N ALA B 46 0.16 -19.44 -1.25
CA ALA B 46 0.13 -18.06 -0.80
C ALA B 46 1.54 -17.66 -0.43
N VAL B 47 1.95 -16.48 -0.92
CA VAL B 47 3.29 -15.99 -0.69
C VAL B 47 3.27 -14.67 0.09
N LYS B 48 3.86 -14.65 1.28
CA LYS B 48 3.88 -13.42 2.04
C LYS B 48 5.27 -12.80 1.89
N LYS B 49 5.33 -11.50 1.64
CA LYS B 49 6.61 -10.85 1.59
C LYS B 49 6.55 -9.47 2.25
N LEU B 50 7.73 -8.93 2.61
CA LEU B 50 7.88 -7.57 3.15
C LEU B 50 7.94 -6.50 2.06
N GLN B 51 7.22 -5.40 2.29
CA GLN B 51 7.22 -4.25 1.39
C GLN B 51 8.13 -3.14 1.91
N HIS B 52 8.63 -3.32 3.14
CA HIS B 52 9.48 -2.31 3.78
C HIS B 52 10.55 -2.99 4.63
N SER B 53 11.69 -3.20 4.01
CA SER B 53 12.64 -4.14 4.54
C SER B 53 13.73 -3.47 5.36
N THR B 54 13.31 -2.67 6.35
CA THR B 54 14.28 -2.18 7.34
C THR B 54 14.85 -3.40 8.06
N GLU B 55 15.98 -3.24 8.74
CA GLU B 55 16.60 -4.40 9.39
C GLU B 55 15.72 -4.97 10.52
N GLU B 56 14.93 -4.11 11.13
CA GLU B 56 14.02 -4.50 12.20
C GLU B 56 12.87 -5.31 11.63
N HIS B 57 12.36 -4.92 10.47
CA HIS B 57 11.25 -5.65 9.86
C HIS B 57 11.73 -7.01 9.39
N LEU B 58 12.91 -7.02 8.80
CA LEU B 58 13.59 -8.26 8.41
C LEU B 58 13.66 -9.21 9.62
N ARG B 59 14.16 -8.72 10.74
CA ARG B 59 14.25 -9.56 11.92
C ARG B 59 12.89 -10.05 12.37
N ASP B 60 11.89 -9.19 12.36
CA ASP B 60 10.55 -9.64 12.77
C ASP B 60 10.00 -10.68 11.80
N PHE B 61 10.23 -10.47 10.51
CA PHE B 61 9.71 -11.39 9.50
C PHE B 61 10.36 -12.79 9.65
N GLU B 62 11.68 -12.81 9.81
CA GLU B 62 12.33 -14.09 10.08
C GLU B 62 11.70 -14.80 11.28
N ARG B 63 11.38 -14.02 12.31
CA ARG B 63 10.77 -14.57 13.51
C ARG B 63 9.34 -15.05 13.25
N GLU B 64 8.62 -14.34 12.39
CA GLU B 64 7.25 -14.74 12.04
C GLU B 64 7.26 -16.13 11.36
N ILE B 65 8.21 -16.32 10.46
CA ILE B 65 8.38 -17.55 9.73
C ILE B 65 8.63 -18.71 10.71
N GLU B 66 9.53 -18.50 11.68
CA GLU B 66 9.78 -19.51 12.73
C GLU B 66 8.53 -19.80 13.57
N ILE B 67 7.77 -18.75 13.87
CA ILE B 67 6.51 -18.92 14.57
C ILE B 67 5.63 -19.90 13.76
N LEU B 68 5.34 -19.55 12.51
CA LEU B 68 4.37 -20.32 11.72
C LEU B 68 4.80 -21.77 11.52
N LYS B 69 6.04 -21.92 11.09
CA LYS B 69 6.66 -23.21 10.96
C LYS B 69 6.48 -24.08 12.23
N SER B 70 6.50 -23.45 13.41
CA SER B 70 6.47 -24.25 14.63
C SER B 70 5.04 -24.66 14.98
N LEU B 71 4.05 -24.07 14.29
CA LEU B 71 2.66 -24.36 14.59
C LEU B 71 2.16 -25.44 13.66
N GLN B 72 1.57 -26.48 14.24
CA GLN B 72 0.91 -27.52 13.48
C GLN B 72 -0.44 -27.77 14.10
N HIS B 73 -1.48 -27.21 13.50
CA HIS B 73 -2.82 -27.37 14.06
C HIS B 73 -3.87 -27.19 12.96
N ASP B 74 -4.96 -27.93 13.09
CA ASP B 74 -6.08 -27.90 12.13
C ASP B 74 -6.64 -26.52 11.88
N ASN B 75 -6.61 -25.67 12.90
CA ASN B 75 -7.15 -24.32 12.74
C ASN B 75 -6.08 -23.23 12.69
N ILE B 76 -4.88 -23.64 12.26
CA ILE B 76 -3.81 -22.69 11.93
C ILE B 76 -3.35 -22.90 10.47
N VAL B 77 -3.29 -21.82 9.68
CA VAL B 77 -2.90 -21.93 8.26
C VAL B 77 -1.53 -22.64 8.18
N LYS B 78 -1.31 -23.47 7.16
CA LYS B 78 -0.10 -24.31 7.15
C LYS B 78 1.08 -23.59 6.52
N TYR B 79 2.23 -23.68 7.21
CA TYR B 79 3.49 -23.23 6.67
C TYR B 79 3.89 -24.19 5.57
N LYS B 80 4.30 -23.66 4.41
CA LYS B 80 4.86 -24.56 3.38
C LYS B 80 6.37 -24.44 3.23
N GLY B 81 6.92 -23.24 3.38
CA GLY B 81 8.35 -23.09 3.22
C GLY B 81 8.75 -21.64 3.04
N VAL B 82 9.97 -21.43 2.52
CA VAL B 82 10.50 -20.11 2.30
C VAL B 82 11.12 -20.03 0.91
N CYS B 83 11.28 -18.82 0.44
CA CYS B 83 11.88 -18.55 -0.84
C CYS B 83 12.77 -17.34 -0.73
N TYR B 84 13.98 -17.44 -1.26
CA TYR B 84 14.90 -16.32 -1.24
C TYR B 84 14.92 -15.59 -2.56
N ASN B 90 16.04 -11.75 -0.63
CA ASN B 90 14.98 -11.30 0.25
C ASN B 90 13.96 -12.39 0.57
N LEU B 91 13.76 -12.64 1.85
CA LEU B 91 12.86 -13.68 2.31
C LEU B 91 11.37 -13.55 1.95
N LYS B 92 10.79 -14.65 1.48
CA LYS B 92 9.33 -14.77 1.38
C LYS B 92 8.87 -16.02 2.12
N LEU B 93 7.65 -15.95 2.65
CA LEU B 93 7.09 -17.04 3.42
C LEU B 93 6.01 -17.65 2.53
N ILE B 94 6.11 -18.96 2.30
CA ILE B 94 5.15 -19.70 1.47
C ILE B 94 4.16 -20.45 2.39
N MET B 95 2.87 -20.28 2.17
CA MET B 95 1.84 -20.98 2.95
C MET B 95 0.83 -21.60 2.02
N GLU B 96 -0.02 -22.49 2.53
CA GLU B 96 -1.07 -23.06 1.68
C GLU B 96 -2.01 -21.93 1.31
N PHE B 97 -2.68 -22.09 0.20
CA PHE B 97 -3.60 -21.10 -0.32
C PHE B 97 -5.00 -21.54 0.06
N LEU B 98 -5.79 -20.65 0.67
CA LEU B 98 -7.19 -20.98 0.94
C LEU B 98 -8.10 -20.08 0.10
N PRO B 99 -8.64 -20.64 -0.98
CA PRO B 99 -9.44 -19.98 -2.03
C PRO B 99 -10.67 -19.23 -1.47
N TYR B 100 -11.32 -19.76 -0.44
CA TYR B 100 -12.44 -19.05 0.14
C TYR B 100 -12.04 -17.73 0.82
N GLY B 101 -10.74 -17.53 1.05
CA GLY B 101 -10.26 -16.27 1.60
C GLY B 101 -10.76 -15.98 3.02
N SER B 102 -10.87 -14.70 3.32
CA SER B 102 -11.08 -14.23 4.69
C SER B 102 -12.47 -14.55 5.25
N LEU B 103 -12.58 -14.89 6.52
CA LEU B 103 -13.92 -15.13 7.09
C LEU B 103 -14.72 -13.80 7.06
N ARG B 104 -14.02 -12.67 7.13
CA ARG B 104 -14.72 -11.38 7.15
C ARG B 104 -15.60 -11.18 5.90
N GLU B 105 -15.03 -11.44 4.73
CA GLU B 105 -15.77 -11.28 3.48
C GLU B 105 -16.69 -12.48 3.29
N TYR B 106 -16.20 -13.66 3.70
CA TYR B 106 -17.02 -14.88 3.56
C TYR B 106 -18.34 -14.71 4.29
N LEU B 107 -18.25 -14.26 5.53
CA LEU B 107 -19.44 -14.11 6.35
C LEU B 107 -20.47 -13.17 5.68
N GLN B 108 -19.98 -12.08 5.09
CA GLN B 108 -20.90 -11.13 4.45
C GLN B 108 -21.53 -11.78 3.21
N LYS B 109 -20.70 -12.45 2.41
CA LYS B 109 -21.21 -13.14 1.22
C LYS B 109 -22.29 -14.19 1.55
N HIS B 110 -22.14 -14.89 2.68
CA HIS B 110 -23.01 -16.03 2.97
C HIS B 110 -23.93 -15.85 4.19
N LYS B 111 -24.20 -14.60 4.54
CA LYS B 111 -24.97 -14.34 5.74
C LYS B 111 -26.32 -15.07 5.77
N GLU B 112 -26.98 -15.26 4.63
CA GLU B 112 -28.28 -15.92 4.68
C GLU B 112 -28.23 -17.41 5.02
N ARG B 113 -27.07 -18.07 4.81
CA ARG B 113 -26.91 -19.50 5.01
C ARG B 113 -26.34 -19.78 6.39
N ILE B 114 -25.64 -18.79 6.95
CA ILE B 114 -24.90 -18.99 8.18
C ILE B 114 -25.75 -18.61 9.43
N ASP B 115 -26.27 -19.60 10.17
CA ASP B 115 -27.10 -19.30 11.36
C ASP B 115 -26.16 -19.24 12.56
N HIS B 116 -26.71 -19.07 13.77
CA HIS B 116 -25.90 -18.87 14.99
C HIS B 116 -25.07 -20.10 15.36
N ILE B 117 -25.66 -21.26 15.15
CA ILE B 117 -25.03 -22.51 15.47
C ILE B 117 -23.74 -22.64 14.62
N LYS B 118 -23.81 -22.23 13.35
CA LYS B 118 -22.62 -22.27 12.49
C LYS B 118 -21.55 -21.24 12.89
N LEU B 119 -21.99 -20.04 13.24
CA LEU B 119 -21.04 -19.07 13.83
C LEU B 119 -20.33 -19.64 15.06
N LEU B 120 -21.05 -20.41 15.89
CA LEU B 120 -20.46 -20.97 17.10
C LEU B 120 -19.47 -22.08 16.75
N GLN B 121 -19.75 -22.82 15.69
CA GLN B 121 -18.79 -23.80 15.17
C GLN B 121 -17.45 -23.10 14.75
N TYR B 122 -17.52 -21.95 14.07
CA TYR B 122 -16.32 -21.16 13.75
C TYR B 122 -15.64 -20.68 15.05
N THR B 123 -16.47 -20.18 15.95
CA THR B 123 -15.97 -19.63 17.21
C THR B 123 -15.15 -20.68 17.95
N SER B 124 -15.74 -21.87 18.09
CA SER B 124 -15.06 -22.95 18.80
C SER B 124 -13.67 -23.25 18.23
N GLN B 125 -13.61 -23.39 16.92
CA GLN B 125 -12.36 -23.62 16.20
C GLN B 125 -11.32 -22.51 16.45
N ILE B 126 -11.76 -21.25 16.47
CA ILE B 126 -10.84 -20.16 16.74
C ILE B 126 -10.32 -20.34 18.18
N CYS B 127 -11.20 -20.69 19.13
CA CYS B 127 -10.75 -20.86 20.51
C CYS B 127 -9.69 -21.94 20.58
N LYS B 128 -9.91 -23.02 19.85
CA LYS B 128 -8.96 -24.12 19.83
C LYS B 128 -7.61 -23.77 19.23
N GLY B 129 -7.61 -23.03 18.13
CA GLY B 129 -6.37 -22.52 17.58
C GLY B 129 -5.67 -21.64 18.63
N MET B 130 -6.43 -20.82 19.34
CA MET B 130 -5.82 -19.87 20.31
C MET B 130 -5.30 -20.62 21.54
N GLU B 131 -6.08 -21.58 22.02
CA GLU B 131 -5.63 -22.43 23.11
C GLU B 131 -4.27 -23.04 22.74
N TYR B 132 -4.16 -23.53 21.52
CA TYR B 132 -2.95 -24.21 21.07
C TYR B 132 -1.74 -23.24 21.09
N LEU B 133 -1.99 -22.02 20.60
CA LEU B 133 -1.00 -20.96 20.63
C LEU B 133 -0.49 -20.73 22.05
N GLY B 134 -1.43 -20.71 22.99
CA GLY B 134 -1.09 -20.50 24.39
C GLY B 134 -0.10 -21.54 24.88
N THR B 135 -0.21 -22.78 24.38
CA THR B 135 0.72 -23.84 24.82
C THR B 135 2.16 -23.58 24.33
N LYS B 136 2.30 -22.81 23.25
CA LYS B 136 3.65 -22.38 22.79
C LYS B 136 4.11 -21.06 23.43
N ARG B 137 3.25 -20.46 24.26
CA ARG B 137 3.50 -19.14 24.85
C ARG B 137 3.64 -18.05 23.78
N TYR B 138 2.81 -18.15 22.74
CA TYR B 138 2.69 -17.14 21.69
C TYR B 138 1.45 -16.27 21.96
N ILE B 139 1.65 -14.96 21.81
CA ILE B 139 0.58 -13.98 21.89
C ILE B 139 0.33 -13.45 20.47
N HIS B 140 -0.90 -13.58 20.02
CA HIS B 140 -1.18 -13.32 18.62
C HIS B 140 -1.26 -11.81 18.36
N ARG B 141 -1.89 -11.07 19.27
CA ARG B 141 -1.90 -9.61 19.22
C ARG B 141 -2.79 -9.00 18.12
N ASP B 142 -3.32 -9.79 17.20
CA ASP B 142 -3.98 -9.15 16.04
C ASP B 142 -5.19 -9.95 15.59
N LEU B 143 -5.92 -10.53 16.56
CA LEU B 143 -7.08 -11.36 16.27
C LEU B 143 -8.24 -10.49 15.75
N ALA B 144 -8.75 -10.84 14.56
CA ALA B 144 -9.79 -10.05 13.87
C ALA B 144 -10.33 -10.91 12.73
N THR B 145 -11.59 -10.76 12.31
CA THR B 145 -12.09 -11.73 11.30
C THR B 145 -11.32 -11.58 9.99
N ARG B 146 -10.66 -10.44 9.79
CA ARG B 146 -9.93 -10.25 8.54
C ARG B 146 -8.68 -11.14 8.52
N ASN B 147 -8.26 -11.61 9.70
CA ASN B 147 -7.12 -12.52 9.79
C ASN B 147 -7.49 -14.01 9.97
N ILE B 148 -8.78 -14.34 9.83
CA ILE B 148 -9.23 -15.74 9.92
C ILE B 148 -9.51 -16.20 8.47
N LEU B 149 -9.03 -17.37 8.05
CA LEU B 149 -9.31 -17.82 6.69
C LEU B 149 -10.38 -18.91 6.71
N VAL B 150 -11.14 -19.01 5.61
CA VAL B 150 -12.16 -20.04 5.51
C VAL B 150 -11.60 -21.14 4.62
N GLU B 151 -11.46 -22.34 5.20
CA GLU B 151 -10.98 -23.48 4.41
C GLU B 151 -12.12 -24.15 3.65
N ASN B 152 -13.23 -24.38 4.35
CA ASN B 152 -14.48 -24.70 3.69
C ASN B 152 -15.62 -24.30 4.64
N GLU B 153 -16.84 -24.57 4.23
CA GLU B 153 -18.05 -24.30 5.01
C GLU B 153 -17.93 -24.67 6.50
N ASN B 154 -17.07 -25.66 6.78
CA ASN B 154 -17.03 -26.29 8.10
C ASN B 154 -15.75 -26.04 8.90
N ARG B 155 -14.81 -25.30 8.30
CA ARG B 155 -13.52 -25.11 8.96
C ARG B 155 -12.89 -23.76 8.70
N VAL B 156 -12.49 -23.06 9.76
CA VAL B 156 -11.71 -21.84 9.59
C VAL B 156 -10.29 -22.02 10.15
N LYS B 157 -9.35 -21.18 9.72
CA LYS B 157 -8.03 -21.22 10.33
C LYS B 157 -7.51 -19.80 10.61
N ILE B 158 -6.81 -19.64 11.73
CA ILE B 158 -6.01 -18.41 11.94
C ILE B 158 -4.99 -18.27 10.79
N GLY B 159 -5.05 -17.14 10.09
CA GLY B 159 -4.39 -17.03 8.78
C GLY B 159 -3.26 -16.01 8.69
N ASP B 160 -2.85 -15.42 9.81
CA ASP B 160 -1.75 -14.44 9.74
C ASP B 160 -1.08 -14.29 11.10
N PHE B 161 0.23 -14.05 11.08
CA PHE B 161 0.98 -14.01 12.34
C PHE B 161 2.00 -12.87 12.37
N GLY B 162 1.74 -11.81 11.59
CA GLY B 162 2.69 -10.72 11.45
C GLY B 162 3.06 -10.00 12.76
N LEU B 163 2.16 -10.03 13.74
CA LEU B 163 2.37 -9.30 15.02
C LEU B 163 2.61 -10.26 16.19
N THR B 164 2.63 -11.56 15.91
CA THR B 164 2.71 -12.56 16.99
C THR B 164 4.05 -12.47 17.70
N LYS B 165 4.01 -12.49 19.04
CA LYS B 165 5.20 -12.41 19.89
C LYS B 165 5.29 -13.65 20.79
N VAL B 166 6.51 -14.02 21.15
CA VAL B 166 6.74 -15.11 22.10
C VAL B 166 6.93 -14.48 23.49
N LEU B 167 6.17 -14.93 24.49
CA LEU B 167 6.40 -14.42 25.85
C LEU B 167 7.82 -14.70 26.30
N PRO B 168 8.41 -13.76 27.06
CA PRO B 168 9.65 -14.01 27.80
C PRO B 168 9.44 -15.17 28.78
N GLN B 169 10.45 -16.03 28.92
CA GLN B 169 10.46 -17.12 29.92
C GLN B 169 9.85 -16.73 31.29
N ASP B 170 10.26 -15.56 31.76
CA ASP B 170 9.98 -15.13 33.13
C ASP B 170 8.64 -14.37 33.30
N LYS B 171 8.00 -14.00 32.18
CA LYS B 171 6.85 -13.11 32.26
C LYS B 171 5.61 -13.65 31.54
N GLU B 172 4.44 -13.18 31.96
CA GLU B 172 3.19 -13.58 31.36
C GLU B 172 2.63 -12.51 30.42
N PTR B 173 3.36 -11.40 30.29
CA PTR B 173 2.99 -10.38 29.31
C PTR B 173 4.23 -9.96 28.51
O PTR B 173 5.38 -10.18 28.91
CB PTR B 173 2.30 -9.14 29.93
CG PTR B 173 3.17 -8.44 30.96
CD1 PTR B 173 3.10 -8.79 32.32
CD2 PTR B 173 4.07 -7.46 30.58
CE1 PTR B 173 3.91 -8.16 33.26
CE2 PTR B 173 4.89 -6.83 31.51
CZ PTR B 173 4.79 -7.17 32.85
OH PTR B 173 5.59 -6.55 33.69
P PTR B 173 5.10 -5.42 34.77
O1P PTR B 173 6.28 -4.60 35.18
O2P PTR B 173 4.49 -6.18 35.98
O3P PTR B 173 4.00 -4.51 34.18
N PTR B 174 3.97 -9.35 27.37
CA PTR B 174 5.03 -8.76 26.55
C PTR B 174 4.71 -7.28 26.34
O PTR B 174 3.58 -6.96 25.96
CB PTR B 174 5.14 -9.49 25.18
CG PTR B 174 6.44 -9.14 24.49
CD1 PTR B 174 6.59 -7.93 23.83
CD2 PTR B 174 7.51 -10.02 24.51
CE1 PTR B 174 7.77 -7.60 23.22
CE2 PTR B 174 8.70 -9.69 23.89
CZ PTR B 174 8.82 -8.48 23.24
OH PTR B 174 9.94 -8.09 22.68
P PTR B 174 10.61 -8.59 21.32
O1P PTR B 174 9.95 -9.83 20.84
O2P PTR B 174 12.10 -8.85 21.62
O3P PTR B 174 10.46 -7.49 20.24
N LYS B 175 5.67 -6.40 26.60
CA LYS B 175 5.50 -4.98 26.30
C LYS B 175 6.08 -4.63 24.90
N VAL B 176 5.24 -4.18 23.99
CA VAL B 176 5.64 -4.01 22.60
C VAL B 176 5.78 -2.55 22.16
N LYS B 177 6.93 -2.21 21.56
CA LYS B 177 7.05 -0.99 20.76
C LYS B 177 6.54 -1.26 19.34
N GLU B 178 5.30 -0.88 19.04
CA GLU B 178 4.65 -1.19 17.76
C GLU B 178 5.49 -0.92 16.47
N PRO B 179 5.57 -1.94 15.59
CA PRO B 179 6.26 -1.85 14.28
C PRO B 179 5.50 -0.97 13.30
N GLY B 180 4.25 -0.64 13.65
CA GLY B 180 3.42 0.30 12.89
C GLY B 180 2.04 0.63 13.44
N GLU B 181 1.07 0.70 12.53
CA GLU B 181 -0.32 1.01 12.86
C GLU B 181 -0.91 -0.08 13.78
N SER B 182 -1.84 0.33 14.63
CA SER B 182 -2.40 -0.58 15.63
C SER B 182 -3.92 -0.66 15.48
N PRO B 183 -4.46 -1.87 15.58
CA PRO B 183 -5.90 -2.15 15.53
C PRO B 183 -6.55 -1.74 16.85
N ILE B 184 -6.48 -0.45 17.17
CA ILE B 184 -6.83 0.03 18.51
C ILE B 184 -8.22 -0.42 18.94
N PHE B 185 -9.15 -0.60 17.99
CA PHE B 185 -10.53 -0.91 18.41
C PHE B 185 -10.73 -2.37 18.72
N TRP B 186 -9.65 -3.16 18.57
CA TRP B 186 -9.62 -4.56 19.00
C TRP B 186 -8.78 -4.75 20.28
N TYR B 187 -8.13 -3.69 20.75
CA TYR B 187 -7.11 -3.78 21.82
C TYR B 187 -7.72 -3.74 23.24
N ALA B 188 -7.15 -4.55 24.13
CA ALA B 188 -7.44 -4.47 25.54
C ALA B 188 -6.94 -3.12 26.09
N PRO B 189 -7.59 -2.65 27.15
CA PRO B 189 -7.20 -1.38 27.79
C PRO B 189 -5.72 -1.35 28.17
N GLU B 190 -5.17 -2.41 28.76
CA GLU B 190 -3.76 -2.34 29.16
C GLU B 190 -2.81 -2.37 27.94
N SER B 191 -3.33 -2.80 26.79
CA SER B 191 -2.58 -2.73 25.53
C SER B 191 -2.55 -1.28 25.06
N LEU B 192 -3.70 -0.60 25.16
CA LEU B 192 -3.76 0.82 24.77
C LEU B 192 -2.94 1.72 25.68
N THR B 193 -2.96 1.44 26.99
CA THR B 193 -2.32 2.36 27.94
C THR B 193 -0.86 2.02 28.20
N GLU B 194 -0.52 0.74 28.16
CA GLU B 194 0.87 0.36 28.44
C GLU B 194 1.47 -0.58 27.40
N SER B 195 0.78 -0.77 26.27
CA SER B 195 1.29 -1.69 25.26
C SER B 195 1.66 -3.04 25.91
N LYS B 196 0.88 -3.48 26.89
CA LYS B 196 1.06 -4.81 27.44
C LYS B 196 0.22 -5.83 26.69
N PHE B 197 0.87 -6.85 26.16
CA PHE B 197 0.12 -7.92 25.46
C PHE B 197 0.33 -9.27 26.17
N SER B 198 -0.67 -10.13 26.11
CA SER B 198 -0.72 -11.33 26.95
C SER B 198 -1.83 -12.25 26.46
N VAL B 199 -1.91 -13.46 27.01
CA VAL B 199 -3.02 -14.34 26.65
C VAL B 199 -4.34 -13.59 26.90
N ALA B 200 -4.42 -12.87 28.02
CA ALA B 200 -5.67 -12.20 28.38
C ALA B 200 -6.02 -11.03 27.44
N SER B 201 -5.03 -10.38 26.83
CA SER B 201 -5.43 -9.35 25.85
C SER B 201 -5.83 -10.04 24.52
N ASP B 202 -5.32 -11.24 24.26
CA ASP B 202 -5.82 -12.02 23.11
C ASP B 202 -7.31 -12.42 23.33
N VAL B 203 -7.64 -12.83 24.56
CA VAL B 203 -9.03 -13.12 24.94
C VAL B 203 -9.92 -11.89 24.73
N TRP B 204 -9.44 -10.70 25.15
CA TRP B 204 -10.18 -9.47 24.87
C TRP B 204 -10.40 -9.32 23.36
N SER B 205 -9.34 -9.43 22.55
CA SER B 205 -9.53 -9.24 21.11
C SER B 205 -10.51 -10.34 20.60
N PHE B 206 -10.39 -11.54 21.13
CA PHE B 206 -11.31 -12.60 20.75
C PHE B 206 -12.77 -12.19 21.01
N GLY B 207 -13.00 -11.46 22.09
CA GLY B 207 -14.34 -11.00 22.38
C GLY B 207 -14.79 -10.11 21.21
N VAL B 208 -13.87 -9.32 20.68
CA VAL B 208 -14.25 -8.41 19.62
C VAL B 208 -14.50 -9.22 18.35
N VAL B 209 -13.74 -10.29 18.13
CA VAL B 209 -14.01 -11.17 16.98
C VAL B 209 -15.42 -11.79 17.04
N LEU B 210 -15.80 -12.22 18.22
CA LEU B 210 -17.09 -12.88 18.43
C LEU B 210 -18.17 -11.82 18.15
N TYR B 211 -17.96 -10.59 18.62
CA TYR B 211 -18.83 -9.48 18.22
C TYR B 211 -18.94 -9.35 16.70
N GLU B 212 -17.79 -9.31 16.01
CA GLU B 212 -17.78 -9.14 14.55
C GLU B 212 -18.64 -10.22 13.87
N LEU B 213 -18.44 -11.48 14.28
CA LEU B 213 -19.20 -12.59 13.72
C LEU B 213 -20.68 -12.31 13.87
N PHE B 214 -21.10 -11.94 15.07
CA PHE B 214 -22.52 -11.79 15.29
C PHE B 214 -23.14 -10.54 14.66
N THR B 215 -22.33 -9.58 14.21
CA THR B 215 -22.88 -8.47 13.42
C THR B 215 -22.94 -8.87 11.94
N TYR B 216 -22.33 -9.99 11.60
CA TYR B 216 -22.27 -10.39 10.19
C TYR B 216 -21.53 -9.33 9.35
N ILE B 217 -20.61 -8.62 10.00
CA ILE B 217 -19.81 -7.57 9.35
C ILE B 217 -20.75 -6.58 8.65
N GLU B 218 -21.81 -6.17 9.35
CA GLU B 218 -22.70 -5.13 8.86
C GLU B 218 -21.93 -3.80 9.01
N LYS B 219 -21.89 -3.02 7.94
CA LYS B 219 -21.01 -1.84 7.89
C LYS B 219 -21.10 -0.89 9.11
N SER B 220 -22.31 -0.46 9.43
CA SER B 220 -22.47 0.57 10.47
C SER B 220 -22.24 0.00 11.87
N LYS B 221 -21.99 -1.31 11.93
CA LYS B 221 -21.85 -2.04 13.20
C LYS B 221 -20.41 -2.45 13.53
N SER B 222 -19.46 -2.21 12.63
CA SER B 222 -18.07 -2.57 12.93
C SER B 222 -17.58 -1.88 14.20
N PRO B 223 -16.56 -2.45 14.85
CA PRO B 223 -16.02 -1.84 16.07
C PRO B 223 -15.53 -0.37 15.91
N PRO B 224 -14.78 -0.05 14.83
CA PRO B 224 -14.37 1.36 14.68
C PRO B 224 -15.60 2.26 14.57
N ALA B 225 -16.60 1.85 13.79
CA ALA B 225 -17.79 2.72 13.63
C ALA B 225 -18.57 2.88 14.95
N GLU B 226 -18.72 1.77 15.68
CA GLU B 226 -19.41 1.77 16.98
C GLU B 226 -18.69 2.61 18.03
N PHE B 227 -17.39 2.35 18.23
CA PHE B 227 -16.60 3.18 19.17
C PHE B 227 -16.57 4.66 18.76
N MET B 228 -16.31 4.94 17.49
CA MET B 228 -16.28 6.32 16.99
C MET B 228 -17.59 7.03 17.32
N ARG B 229 -18.68 6.32 17.10
CA ARG B 229 -20.00 6.85 17.35
C ARG B 229 -20.09 7.22 18.84
N MET B 230 -19.63 6.31 19.70
CA MET B 230 -19.71 6.52 21.15
C MET B 230 -18.77 7.61 21.66
N ILE B 231 -17.62 7.76 21.01
CA ILE B 231 -16.65 8.76 21.37
C ILE B 231 -17.01 10.16 20.80
N GLY B 232 -17.77 10.19 19.70
CA GLY B 232 -17.98 11.41 18.92
C GLY B 232 -17.04 11.42 17.71
N ASN B 233 -17.58 11.67 16.51
CA ASN B 233 -16.78 11.64 15.28
C ASN B 233 -15.85 12.84 14.94
N ASP B 234 -15.72 13.79 15.88
CA ASP B 234 -14.72 14.87 15.80
C ASP B 234 -13.28 14.33 15.82
N LYS B 235 -12.96 13.39 16.68
CA LYS B 235 -11.77 12.55 16.51
C LYS B 235 -10.37 13.11 16.28
N GLN B 236 -9.92 14.10 17.03
CA GLN B 236 -8.57 14.50 16.71
C GLN B 236 -7.86 13.17 16.83
N GLY B 237 -7.17 12.73 15.81
CA GLY B 237 -6.87 11.34 15.74
C GLY B 237 -6.07 10.77 16.89
N GLN B 238 -5.02 11.44 17.32
CA GLN B 238 -4.32 10.94 18.48
C GLN B 238 -5.20 11.03 19.70
N MET B 239 -6.11 11.98 19.68
CA MET B 239 -7.08 12.11 20.75
C MET B 239 -8.05 10.91 20.81
N ILE B 240 -8.32 10.30 19.65
CA ILE B 240 -9.21 9.11 19.59
C ILE B 240 -8.83 8.05 20.61
N VAL B 241 -7.54 7.74 20.69
CA VAL B 241 -7.04 6.69 21.59
C VAL B 241 -7.35 7.08 23.05
N PHE B 242 -7.09 8.34 23.39
CA PHE B 242 -7.31 8.78 24.77
C PHE B 242 -8.77 8.76 25.16
N HIS B 243 -9.63 9.16 24.23
CA HIS B 243 -11.07 9.05 24.47
C HIS B 243 -11.51 7.58 24.56
N LEU B 244 -10.88 6.74 23.74
CA LEU B 244 -11.18 5.33 23.73
C LEU B 244 -10.83 4.76 25.09
N ILE B 245 -9.63 5.09 25.56
CA ILE B 245 -9.19 4.67 26.88
C ILE B 245 -10.19 5.09 27.96
N GLU B 246 -10.55 6.37 28.00
CA GLU B 246 -11.50 6.83 29.03
C GLU B 246 -12.82 6.05 28.95
N LEU B 247 -13.26 5.84 27.72
CA LEU B 247 -14.48 5.07 27.46
C LEU B 247 -14.41 3.65 28.04
N LEU B 248 -13.36 2.90 27.74
CA LEU B 248 -13.29 1.52 28.28
C LEU B 248 -13.21 1.54 29.81
N LYS B 249 -12.55 2.57 30.33
CA LYS B 249 -12.35 2.71 31.76
C LYS B 249 -13.71 2.86 32.48
N ASN B 250 -14.62 3.57 31.84
CA ASN B 250 -15.94 3.83 32.42
C ASN B 250 -16.91 2.73 31.99
N ASN B 251 -16.32 1.63 31.53
CA ASN B 251 -17.06 0.45 31.12
C ASN B 251 -18.00 0.64 29.92
N GLY B 252 -17.68 1.61 29.05
CA GLY B 252 -18.29 1.65 27.72
C GLY B 252 -17.89 0.38 26.96
N ARG B 253 -18.82 -0.19 26.22
CA ARG B 253 -18.57 -1.44 25.49
C ARG B 253 -19.37 -1.45 24.18
N LEU B 254 -18.93 -2.28 23.24
CA LEU B 254 -19.71 -2.58 22.05
C LEU B 254 -21.07 -3.07 22.50
N PRO B 255 -22.14 -2.72 21.77
CA PRO B 255 -23.53 -3.13 22.07
C PRO B 255 -23.79 -4.57 21.65
N ARG B 256 -24.90 -5.15 22.10
CA ARG B 256 -25.24 -6.50 21.67
C ARG B 256 -25.64 -6.44 20.18
N PRO B 257 -24.97 -7.20 19.32
CA PRO B 257 -25.37 -7.12 17.91
C PRO B 257 -26.86 -7.44 17.74
N ASP B 258 -27.48 -6.94 16.68
CA ASP B 258 -28.88 -7.23 16.45
C ASP B 258 -29.08 -8.74 16.36
N GLY B 259 -30.15 -9.24 16.94
CA GLY B 259 -30.45 -10.67 16.91
C GLY B 259 -29.55 -11.56 17.76
N CYS B 260 -28.50 -11.03 18.38
CA CYS B 260 -27.59 -11.88 19.16
C CYS B 260 -28.16 -12.38 20.50
N PRO B 261 -28.20 -13.70 20.69
CA PRO B 261 -28.69 -14.30 21.95
C PRO B 261 -27.91 -13.80 23.19
N ASP B 262 -28.62 -13.59 24.28
CA ASP B 262 -28.03 -13.00 25.46
C ASP B 262 -26.75 -13.72 25.96
N GLU B 263 -26.82 -15.04 26.05
CA GLU B 263 -25.71 -15.87 26.52
C GLU B 263 -24.47 -15.71 25.66
N ILE B 264 -24.66 -15.45 24.36
CA ILE B 264 -23.52 -15.21 23.45
C ILE B 264 -22.90 -13.83 23.77
N TYR B 265 -23.76 -12.83 23.90
CA TYR B 265 -23.32 -11.50 24.30
C TYR B 265 -22.59 -11.56 25.66
N MET B 266 -23.08 -12.41 26.56
CA MET B 266 -22.48 -12.58 27.90
C MET B 266 -21.02 -13.05 27.75
N ILE B 267 -20.78 -13.95 26.80
CA ILE B 267 -19.40 -14.37 26.55
C ILE B 267 -18.55 -13.16 26.14
N MET B 268 -19.06 -12.36 25.21
CA MET B 268 -18.32 -11.19 24.76
C MET B 268 -18.00 -10.28 25.96
N THR B 269 -19.00 -9.98 26.79
CA THR B 269 -18.79 -8.99 27.87
C THR B 269 -17.81 -9.52 28.90
N GLU B 270 -17.81 -10.85 29.08
CA GLU B 270 -16.87 -11.48 30.00
C GLU B 270 -15.45 -11.32 29.47
N CYS B 271 -15.27 -11.38 28.15
CA CYS B 271 -13.93 -11.22 27.59
C CYS B 271 -13.44 -9.81 27.77
N TRP B 272 -14.39 -8.88 27.84
CA TRP B 272 -14.04 -7.46 27.85
C TRP B 272 -14.01 -6.92 29.29
N ASN B 273 -13.53 -7.74 30.23
CA ASN B 273 -13.35 -7.30 31.61
C ASN B 273 -12.10 -6.40 31.74
N ASN B 274 -12.26 -5.24 32.37
CA ASN B 274 -11.10 -4.42 32.65
C ASN B 274 -10.08 -5.16 33.49
N ASN B 275 -10.54 -6.05 34.35
CA ASN B 275 -9.61 -6.80 35.15
C ASN B 275 -9.09 -8.00 34.38
N VAL B 276 -7.82 -7.92 34.00
CA VAL B 276 -7.19 -8.96 33.20
C VAL B 276 -7.44 -10.36 33.78
N ASN B 277 -7.38 -10.47 35.10
CA ASN B 277 -7.45 -11.78 35.74
C ASN B 277 -8.83 -12.41 35.74
N GLN B 278 -9.83 -11.62 35.35
CA GLN B 278 -11.19 -12.13 35.26
C GLN B 278 -11.66 -12.44 33.84
N ARG B 279 -10.79 -12.23 32.85
CA ARG B 279 -11.15 -12.68 31.50
C ARG B 279 -11.03 -14.20 31.46
N PRO B 280 -11.99 -14.88 30.80
CA PRO B 280 -11.95 -16.35 30.79
C PRO B 280 -10.72 -16.88 30.00
N SER B 281 -10.35 -18.14 30.18
CA SER B 281 -9.29 -18.74 29.40
C SER B 281 -9.84 -19.25 28.05
N PHE B 282 -8.96 -19.52 27.10
CA PHE B 282 -9.44 -20.04 25.83
C PHE B 282 -10.06 -21.44 25.99
N ARG B 283 -9.53 -22.24 26.91
CA ARG B 283 -10.13 -23.55 27.14
C ARG B 283 -11.55 -23.42 27.70
N ASP B 284 -11.73 -22.55 28.69
CA ASP B 284 -13.06 -22.23 29.20
C ASP B 284 -13.97 -21.76 28.06
N LEU B 285 -13.44 -20.88 27.21
CA LEU B 285 -14.26 -20.35 26.12
C LEU B 285 -14.73 -21.48 25.24
N ALA B 286 -13.82 -22.39 24.89
CA ALA B 286 -14.19 -23.47 23.97
C ALA B 286 -15.28 -24.34 24.59
N LEU B 287 -15.12 -24.70 25.86
CA LEU B 287 -16.13 -25.53 26.54
C LEU B 287 -17.48 -24.81 26.60
N ARG B 288 -17.44 -23.52 26.88
CA ARG B 288 -18.68 -22.74 27.04
C ARG B 288 -19.41 -22.69 25.68
N VAL B 289 -18.63 -22.48 24.64
CA VAL B 289 -19.20 -22.33 23.30
C VAL B 289 -19.77 -23.68 22.88
N ASP B 290 -19.02 -24.75 23.11
CA ASP B 290 -19.49 -26.09 22.75
C ASP B 290 -20.76 -26.48 23.52
N GLN B 291 -20.92 -25.99 24.75
CA GLN B 291 -22.11 -26.33 25.55
C GLN B 291 -23.31 -25.57 25.02
N ILE B 292 -23.10 -24.29 24.70
CA ILE B 292 -24.17 -23.51 24.10
C ILE B 292 -24.64 -24.16 22.78
N ARG B 293 -23.71 -24.59 21.95
CA ARG B 293 -24.04 -25.30 20.70
C ARG B 293 -24.88 -26.54 20.97
N ASP B 294 -24.46 -27.33 21.96
CA ASP B 294 -25.17 -28.57 22.25
C ASP B 294 -26.55 -28.26 22.76
N ASN B 295 -26.65 -27.17 23.53
CA ASN B 295 -27.95 -26.75 24.01
C ASN B 295 -28.87 -26.39 22.83
N MET B 296 -28.32 -25.74 21.81
CA MET B 296 -29.11 -25.23 20.71
C MET B 296 -29.54 -26.37 19.78
N ALA B 297 -28.68 -27.37 19.61
CA ALA B 297 -29.02 -28.54 18.81
C ALA B 297 -29.94 -29.51 19.55
N GLY B 298 -30.38 -29.11 20.74
CA GLY B 298 -31.25 -29.94 21.55
C GLY B 298 -32.72 -29.72 21.22
N5 0NU C . 0.11 20.79 -19.00
C15 0NU C . 1.14 20.53 -18.57
C14 0NU C . 2.50 20.12 -18.21
C13 0NU C . 3.40 21.41 -17.94
O 0NU C . 3.03 22.50 -18.37
N4 0NU C . 4.52 21.28 -17.21
C11 0NU C . 4.93 19.98 -16.67
C10 0NU C . 4.87 20.01 -15.16
C9 0NU C . 5.71 21.16 -14.61
C12 0NU C . 5.42 22.37 -16.83
C8 0NU C . 5.39 22.47 -15.33
N3 0NU C . 6.27 23.54 -14.89
C4 0NU C . 6.06 24.21 -13.69
C3 0NU C . 5.12 24.15 -12.68
C 0NU C . 3.90 23.46 -12.35
C7 0NU C . 7.42 24.04 -15.45
N2 0NU C . 8.00 24.96 -14.72
C5 0NU C . 7.18 25.09 -13.60
C6 0NU C . 7.31 25.87 -12.46
N1 0NU C . 6.44 25.83 -11.44
C2 0NU C . 5.39 24.99 -11.55
N 0NU C . 4.39 24.82 -10.65
C1 0NU C . 3.49 23.91 -11.13
H14 0NU C . 2.91 19.46 -18.98
H15 0NU C . 2.45 19.51 -17.30
H11 0NU C . 5.94 19.77 -17.00
H10 0NU C . 4.32 19.17 -17.07
H8 0NU C . 3.84 20.12 -14.82
H9 0NU C . 5.20 19.06 -14.74
H6 0NU C . 6.77 20.92 -14.70
H7 0NU C . 5.55 21.27 -13.54
H13 0NU C . 5.12 23.29 -17.33
H12 0NU C . 6.43 22.20 -17.19
H1 0NU C . 4.38 22.76 -15.03
H2 0NU C . 3.39 22.73 -12.98
H5 0NU C . 7.81 23.70 -16.41
H4 0NU C . 8.14 26.57 -12.34
H 0NU C . 4.35 25.28 -9.75
H3 0NU C . 2.61 23.63 -10.56
N5 0NU D . 0.53 -8.90 4.66
C15 0NU D . -0.56 -9.19 4.91
C14 0NU D . -1.90 -9.56 5.31
C13 0NU D . -2.69 -10.26 4.14
O 0NU D . -2.31 -10.09 2.98
N4 0NU D . -3.78 -10.98 4.43
C11 0NU D . -4.34 -11.12 5.78
C10 0NU D . -4.26 -12.58 6.23
C9 0NU D . -4.96 -13.48 5.20
C12 0NU D . -4.56 -11.74 3.44
C8 0NU D . -4.46 -13.20 3.78
N3 0NU D . -5.19 -13.99 2.79
C4 0NU D . -4.90 -15.31 2.45
C3 0NU D . -3.94 -16.24 2.85
C 0NU D . -2.85 -16.35 3.79
C7 0NU D . -6.29 -13.63 2.06
N2 0NU D . -6.74 -14.59 1.28
C5 0NU D . -5.88 -15.66 1.52
C6 0NU D . -5.89 -16.97 0.99
N1 0NU D . -4.98 -17.90 1.33
C2 0NU D . -4.06 -17.53 2.24
N 0NU D . -3.09 -18.33 2.78
C1 0NU D . -2.37 -17.61 3.70
H14 0NU D . -1.87 -10.17 6.20
H15 0NU D . -2.44 -8.67 5.61
H11 0NU D . -5.36 -10.78 5.79
H10 0NU D . -3.82 -10.48 6.49
H8 0NU D . -3.23 -12.89 6.35
H9 0NU D . -4.71 -12.71 7.21
H6 0NU D . -6.04 -13.36 5.27
H7 0NU D . -4.79 -14.52 5.46
H13 0NU D . -4.20 -11.51 2.44
H12 0NU D . -5.61 -11.42 3.42
H1 0NU D . -3.41 -13.50 3.73
H2 0NU D . -2.48 -15.55 4.44
H5 0NU D . -6.75 -12.65 2.12
H4 0NU D . -6.65 -17.30 0.28
H 0NU D . -2.94 -19.30 2.53
H3 0NU D . -1.54 -18.06 4.23
C1 GOL E . 2.95 -7.08 8.98
O1 GOL E . 3.07 -6.12 7.90
C2 GOL E . 2.87 -8.52 8.47
O2 GOL E . 4.13 -9.20 8.59
C3 GOL E . 1.79 -9.33 9.18
O3 GOL E . 0.48 -8.81 8.98
#